data_8TYG
#
_entry.id   8TYG
#
_cell.length_a   63.772
_cell.length_b   86.994
_cell.length_c   192.463
_cell.angle_alpha   90.000
_cell.angle_beta   90.000
_cell.angle_gamma   90.000
#
_symmetry.space_group_name_H-M   'I 2 2 2'
#
loop_
_entity.id
_entity.type
_entity.pdbx_description
1 polymer 'Plasmepsin V'
2 branched 2-acetamido-2-deoxy-beta-D-glucopyranose-(1-4)-2-acetamido-2-deoxy-beta-D-glucopyranose
3 non-polymer (2E,4aR,7aS)-6-[3-(4-chlorophenyl)pyridin-2-yl]-7a-(2,5-difluorophenyl)-2-imino-3-methyloctahydro-4H-pyrrolo[3,4-d]pyrimidin-4-one
4 non-polymer 6-tungstotellurate(VI)
5 non-polymer 2-acetamido-2-deoxy-beta-D-glucopyranose
6 non-polymer 2-AMINO-2-HYDROXYMETHYL-PROPANE-1,3-DIOL
7 water water
#
_entity_poly.entity_id   1
_entity_poly.type   'polypeptide(L)'
_entity_poly.pdbx_seq_one_letter_code
;GTRSESTEGHSKDLLYKYKLYGDIDEYAYYFLDIDIGTPEQRISLILDTGSSSLSFPCAGCKNCGVHMENPFNLNNSKTS
SILYCENEECPFKLNCVKGKCEYMQSYCEGSQISGFYFSDVVSVVSYNNERVTFRKLMGCHMHEESLFLYQQATGVLGMS
LSKPQGIPTFVNLLFDNAPQLKQVFTICISENGGELIAGGYDPAYIVRRGGSKSVSGQGSGPVSESLSESGEDPQVALRE
AEKVVWENVTRKYYYYIKVRGLDMFGTNMMSSSKGLEMLVDSGSTFTHIPEDLYNKLNYFFDILCIQDMNNAYDVNKRLK
MTNESFNNPLVQFDDFRKSLKSIIAKENMCVKIVDGVQCWKYLEGLPDLFVTLSNNYKMKWQPHSYLYKKESFWCKGIEK
QVNNKPILGLTFFKNRQVIFDIQKNRIGFVDANCPSHPTHTRPRLENLYFQGDYKDDDDKH
;
_entity_poly.pdbx_strand_id   A
#
loop_
_chem_comp.id
_chem_comp.type
_chem_comp.name
_chem_comp.formula
NAG D-saccharide, beta linking 2-acetamido-2-deoxy-beta-D-glucopyranose 'C8 H15 N O6'
SKC non-polymer (2E,4aR,7aS)-6-[3-(4-chlorophenyl)pyridin-2-yl]-7a-(2,5-difluorophenyl)-2-imino-3-methyloctahydro-4H-pyrrolo[3,4-d]pyrimidin-4-one 'C24 H20 Cl F2 N5 O'
TEW non-polymer 6-tungstotellurate(VI) 'O24 Te W6 -6'
TRS non-polymer 2-AMINO-2-HYDROXYMETHYL-PROPANE-1,3-DIOL 'C4 H12 N O3 1'
#
# COMPACT_ATOMS: atom_id res chain seq x y z
N LYS A 12 1.56 -26.40 9.84
CA LYS A 12 0.36 -25.89 10.49
C LYS A 12 0.69 -24.78 11.48
N ASP A 13 1.35 -23.72 11.00
CA ASP A 13 1.66 -22.60 11.86
C ASP A 13 0.40 -21.88 12.29
N LEU A 14 0.37 -21.44 13.54
CA LEU A 14 -0.76 -20.69 14.06
C LEU A 14 -0.86 -19.33 13.38
N LEU A 15 -2.04 -18.98 12.88
CA LEU A 15 -2.26 -17.70 12.21
C LEU A 15 -3.35 -16.92 12.94
N TYR A 16 -3.06 -15.66 13.24
CA TYR A 16 -4.05 -14.71 13.72
C TYR A 16 -4.46 -13.82 12.54
N LYS A 17 -5.77 -13.68 12.33
CA LYS A 17 -6.28 -12.95 11.17
C LYS A 17 -7.12 -11.75 11.60
N TYR A 18 -6.95 -10.64 10.87
CA TYR A 18 -7.62 -9.38 11.16
C TYR A 18 -8.24 -8.86 9.88
N LYS A 19 -9.52 -8.47 9.94
CA LYS A 19 -10.19 -7.92 8.77
C LYS A 19 -9.63 -6.55 8.41
N LEU A 20 -9.38 -6.35 7.12
CA LEU A 20 -9.10 -5.03 6.55
C LEU A 20 -10.29 -4.57 5.74
N TYR A 21 -10.52 -3.26 5.77
CA TYR A 21 -11.57 -2.60 5.01
C TYR A 21 -10.94 -1.52 4.14
N GLY A 22 -11.55 -1.27 2.99
CA GLY A 22 -11.09 -0.21 2.13
C GLY A 22 -11.11 -0.63 0.68
N ASP A 23 -10.51 0.21 -0.16
CA ASP A 23 -10.49 0.04 -1.62
C ASP A 23 -9.58 1.11 -2.20
N ILE A 24 -9.38 1.04 -3.52
CA ILE A 24 -8.47 1.97 -4.17
C ILE A 24 -9.18 3.30 -4.48
N ASP A 25 -10.45 3.24 -4.91
CA ASP A 25 -11.11 4.43 -5.45
C ASP A 25 -11.70 5.32 -4.36
N GLU A 26 -12.46 4.77 -3.42
CA GLU A 26 -13.20 5.59 -2.47
C GLU A 26 -12.38 5.93 -1.24
N TYR A 27 -11.76 4.92 -0.61
CA TYR A 27 -10.89 5.19 0.54
C TYR A 27 -9.46 5.49 0.11
N ALA A 28 -8.95 4.79 -0.91
CA ALA A 28 -7.57 4.90 -1.38
C ALA A 28 -6.58 4.36 -0.37
N TYR A 29 -7.04 3.55 0.57
CA TYR A 29 -6.19 2.86 1.54
C TYR A 29 -7.02 1.73 2.15
N TYR A 30 -6.36 0.90 2.97
CA TYR A 30 -7.04 -0.15 3.71
C TYR A 30 -6.75 0.05 5.19
N PHE A 31 -7.76 -0.19 6.03
CA PHE A 31 -7.63 0.09 7.46
C PHE A 31 -8.17 -1.07 8.29
N LEU A 32 -7.79 -1.06 9.57
CA LEU A 32 -8.30 -2.05 10.49
C LEU A 32 -8.55 -1.38 11.84
N ASP A 33 -9.27 -2.09 12.70
CA ASP A 33 -9.66 -1.59 14.02
C ASP A 33 -8.69 -2.12 15.07
N ILE A 34 -8.25 -1.22 15.95
CA ILE A 34 -7.41 -1.56 17.10
C ILE A 34 -8.06 -0.92 18.33
N ASP A 35 -7.91 -1.58 19.48
CA ASP A 35 -8.45 -1.09 20.75
C ASP A 35 -7.35 -0.40 21.54
N ILE A 36 -7.60 0.83 21.98
CA ILE A 36 -6.61 1.63 22.70
C ILE A 36 -7.15 2.04 24.05
N GLY A 37 -6.31 1.95 25.08
CA GLY A 37 -6.64 2.50 26.38
C GLY A 37 -7.45 1.57 27.25
N THR A 38 -7.79 2.07 28.44
CA THR A 38 -8.59 1.35 29.43
C THR A 38 -9.64 2.27 30.02
N PRO A 39 -10.93 2.00 29.82
CA PRO A 39 -11.51 0.95 28.96
C PRO A 39 -11.16 1.19 27.50
N GLU A 40 -11.41 0.19 26.66
CA GLU A 40 -10.95 0.25 25.28
C GLU A 40 -11.70 1.33 24.50
N GLN A 41 -10.94 2.09 23.72
CA GLN A 41 -11.48 2.96 22.69
C GLN A 41 -11.06 2.38 21.34
N ARG A 42 -12.04 1.95 20.55
CA ARG A 42 -11.73 1.35 19.26
C ARG A 42 -11.45 2.43 18.24
N ILE A 43 -10.34 2.30 17.53
CA ILE A 43 -9.87 3.31 16.59
C ILE A 43 -9.57 2.64 15.25
N SER A 44 -10.06 3.22 14.15
CA SER A 44 -9.69 2.74 12.83
C SER A 44 -8.34 3.33 12.41
N LEU A 45 -7.46 2.48 11.90
CA LEU A 45 -6.09 2.87 11.56
C LEU A 45 -5.74 2.39 10.15
N ILE A 46 -5.17 3.30 9.36
CA ILE A 46 -4.65 2.96 8.04
C ILE A 46 -3.45 2.03 8.18
N LEU A 47 -3.47 0.92 7.46
CA LEU A 47 -2.39 -0.06 7.54
C LEU A 47 -1.28 0.38 6.58
N ASP A 48 -0.13 0.77 7.12
CA ASP A 48 0.89 1.49 6.34
C ASP A 48 2.27 0.87 6.56
N THR A 49 2.70 -0.02 5.66
CA THR A 49 4.06 -0.55 5.78
C THR A 49 5.13 0.46 5.45
N GLY A 50 4.74 1.65 4.97
CA GLY A 50 5.68 2.71 4.69
C GLY A 50 5.93 3.69 5.82
N SER A 51 5.46 3.40 7.03
CA SER A 51 5.74 4.28 8.16
C SER A 51 5.82 3.45 9.42
N SER A 52 6.14 4.10 10.54
CA SER A 52 6.53 3.36 11.73
C SER A 52 5.82 3.80 13.00
N SER A 53 4.95 4.78 12.94
CA SER A 53 4.28 5.33 14.12
C SER A 53 2.87 4.79 14.24
N LEU A 54 2.29 5.00 15.43
CA LEU A 54 0.89 4.74 15.67
C LEU A 54 0.31 6.03 16.24
N SER A 55 -0.62 6.66 15.51
CA SER A 55 -1.04 7.99 15.92
C SER A 55 -2.45 8.28 15.41
N PHE A 56 -3.10 9.25 16.04
CA PHE A 56 -4.49 9.59 15.81
C PHE A 56 -4.79 10.89 16.55
N PRO A 57 -5.85 11.61 16.17
CA PRO A 57 -6.25 12.78 16.96
C PRO A 57 -6.62 12.39 18.38
N CYS A 58 -6.36 13.30 19.32
CA CYS A 58 -6.78 13.13 20.70
C CYS A 58 -7.72 14.27 21.09
N ALA A 59 -8.59 14.00 22.05
CA ALA A 59 -9.53 15.00 22.53
C ALA A 59 -8.79 16.26 22.94
N GLY A 60 -9.30 17.41 22.49
CA GLY A 60 -8.66 18.68 22.70
C GLY A 60 -8.03 19.26 21.45
N CYS A 61 -7.88 18.45 20.40
CA CYS A 61 -7.30 18.94 19.16
C CYS A 61 -8.16 20.05 18.58
N LYS A 62 -7.52 21.17 18.25
CA LYS A 62 -8.23 22.34 17.77
C LYS A 62 -8.31 22.44 16.26
N ASN A 63 -7.62 21.55 15.53
CA ASN A 63 -7.67 21.59 14.06
C ASN A 63 -7.53 20.16 13.54
N CYS A 64 -8.54 19.34 13.80
CA CYS A 64 -8.54 17.95 13.37
C CYS A 64 -9.76 17.66 12.51
N GLY A 65 -9.59 16.74 11.58
CA GLY A 65 -10.71 16.31 10.77
C GLY A 65 -11.71 15.51 11.57
N VAL A 66 -12.89 15.35 11.01
CA VAL A 66 -13.90 14.46 11.56
C VAL A 66 -13.67 13.09 10.92
N HIS A 67 -13.41 12.10 11.73
CA HIS A 67 -13.10 10.77 11.24
C HIS A 67 -14.20 9.82 11.69
N MET A 68 -14.01 8.53 11.44
CA MET A 68 -15.05 7.56 11.74
C MET A 68 -15.23 7.36 13.24
N GLU A 69 -14.24 7.73 14.04
CA GLU A 69 -14.36 7.67 15.50
C GLU A 69 -13.99 9.01 16.10
N ASN A 70 -14.50 9.25 17.30
CA ASN A 70 -14.13 10.43 18.05
C ASN A 70 -12.63 10.39 18.37
N PRO A 71 -12.00 11.55 18.54
CA PRO A 71 -10.60 11.57 18.95
C PRO A 71 -10.40 10.74 20.20
N PHE A 72 -9.23 10.13 20.31
CA PHE A 72 -8.92 9.39 21.53
C PHE A 72 -8.94 10.32 22.73
N ASN A 73 -9.68 9.94 23.77
CA ASN A 73 -9.84 10.76 24.96
C ASN A 73 -8.90 10.25 26.04
N LEU A 74 -7.82 11.00 26.29
CA LEU A 74 -6.86 10.59 27.30
C LEU A 74 -7.48 10.58 28.70
N ASN A 75 -8.31 11.57 29.00
CA ASN A 75 -8.89 11.68 30.33
C ASN A 75 -9.81 10.51 30.67
N ASN A 76 -10.21 9.71 29.69
CA ASN A 76 -11.05 8.54 29.92
C ASN A 76 -10.28 7.23 29.93
N SER A 77 -8.97 7.28 29.73
CA SER A 77 -8.12 6.08 29.79
C SER A 77 -7.21 6.20 31.01
N LYS A 78 -7.45 5.34 32.00
CA LYS A 78 -6.68 5.37 33.24
C LYS A 78 -5.23 4.98 33.04
N THR A 79 -4.92 4.28 31.96
CA THR A 79 -3.58 3.80 31.67
C THR A 79 -2.81 4.70 30.70
N SER A 80 -3.36 5.85 30.33
CA SER A 80 -2.64 6.77 29.47
C SER A 80 -1.61 7.53 30.29
N SER A 81 -0.48 7.85 29.65
CA SER A 81 0.60 8.58 30.31
C SER A 81 1.24 9.50 29.27
N ILE A 82 0.98 10.80 29.39
CA ILE A 82 1.61 11.76 28.50
C ILE A 82 3.11 11.81 28.75
N LEU A 83 3.87 11.94 27.67
CA LEU A 83 5.33 11.99 27.77
C LEU A 83 5.74 13.44 27.90
N TYR A 84 5.91 13.88 29.15
CA TYR A 84 6.35 15.24 29.44
C TYR A 84 7.87 15.34 29.40
N CYS A 85 8.36 16.57 29.23
CA CYS A 85 9.79 16.81 29.25
C CYS A 85 10.27 16.95 30.68
N GLU A 86 11.34 16.24 31.02
CA GLU A 86 12.01 16.38 32.31
C GLU A 86 13.17 17.35 32.13
N ASN A 87 13.05 18.54 32.74
CA ASN A 87 13.94 19.67 32.52
C ASN A 87 14.29 19.83 31.04
N GLU A 88 13.29 19.71 30.17
CA GLU A 88 13.39 19.97 28.73
C GLU A 88 14.08 18.88 27.94
N GLU A 89 14.27 17.68 28.51
CA GLU A 89 14.93 16.58 27.81
C GLU A 89 13.94 15.47 27.51
N CYS A 90 13.90 15.05 26.25
CA CYS A 90 13.03 13.97 25.83
C CYS A 90 13.85 12.75 25.45
N PRO A 91 13.29 11.55 25.60
CA PRO A 91 13.94 10.35 25.06
C PRO A 91 13.83 10.33 23.54
N PHE A 92 14.52 9.36 22.93
CA PHE A 92 14.41 9.09 21.50
C PHE A 92 14.70 10.31 20.64
N LYS A 93 15.55 11.21 21.14
CA LYS A 93 15.98 12.41 20.41
C LYS A 93 14.79 13.28 20.02
N LEU A 94 13.69 13.19 20.76
CA LEU A 94 12.51 14.00 20.47
C LEU A 94 12.73 15.44 20.93
N ASN A 95 11.95 16.35 20.34
CA ASN A 95 12.02 17.76 20.69
C ASN A 95 11.01 18.08 21.79
N CYS A 96 11.43 18.92 22.73
CA CYS A 96 10.55 19.40 23.78
C CYS A 96 9.82 20.66 23.31
N VAL A 97 8.50 20.59 23.22
CA VAL A 97 7.67 21.70 22.79
C VAL A 97 6.58 21.93 23.83
N LYS A 98 6.59 23.11 24.45
CA LYS A 98 5.56 23.50 25.42
C LYS A 98 5.35 22.41 26.47
N GLY A 99 6.45 21.86 26.96
CA GLY A 99 6.43 20.95 28.07
C GLY A 99 6.21 19.49 27.73
N LYS A 100 5.90 19.17 26.47
CA LYS A 100 5.65 17.79 26.07
C LYS A 100 6.62 17.39 24.96
N CYS A 101 6.85 16.09 24.84
CA CYS A 101 7.71 15.57 23.78
C CYS A 101 6.91 15.50 22.50
N GLU A 102 7.40 16.19 21.47
CA GLU A 102 6.60 16.49 20.29
C GLU A 102 6.50 15.33 19.33
N TYR A 103 5.29 15.11 18.83
CA TYR A 103 5.03 14.21 17.72
C TYR A 103 4.96 15.05 16.45
N MET A 104 5.72 14.65 15.43
CA MET A 104 5.82 15.45 14.20
C MET A 104 6.05 14.52 13.03
N GLN A 105 5.17 14.55 12.04
CA GLN A 105 5.34 13.69 10.88
C GLN A 105 5.05 14.47 9.61
N SER A 106 5.82 14.21 8.56
N SER A 106 5.82 14.19 8.57
CA SER A 106 5.72 14.94 7.30
CA SER A 106 5.64 14.81 7.26
C SER A 106 5.03 14.10 6.24
C SER A 106 4.95 13.80 6.36
N TYR A 107 4.51 14.78 5.21
N TYR A 107 3.64 13.99 6.18
CA TYR A 107 3.83 14.09 4.11
CA TYR A 107 2.88 13.16 5.25
C TYR A 107 3.48 15.09 3.03
C TYR A 107 3.31 13.42 3.81
N CYS A 108 3.17 14.57 1.85
N CYS A 108 3.84 14.61 3.53
CA CYS A 108 2.76 15.35 0.68
CA CYS A 108 4.43 14.97 2.26
C CYS A 108 3.78 16.45 0.43
C CYS A 108 5.87 15.41 2.49
N GLU A 109 3.34 17.57 -0.12
N GLU A 109 6.62 15.54 1.41
CA GLU A 109 4.23 18.64 -0.57
CA GLU A 109 7.97 16.10 1.47
C GLU A 109 4.09 19.80 0.41
C GLU A 109 7.86 17.59 1.81
N GLY A 110 4.79 19.69 1.53
N GLY A 110 7.59 17.87 3.08
CA GLY A 110 4.82 20.74 2.53
CA GLY A 110 7.59 19.25 3.55
C GLY A 110 3.85 20.59 3.69
C GLY A 110 6.45 19.69 4.43
N SER A 111 3.12 19.48 3.77
N SER A 111 5.45 18.84 4.66
CA SER A 111 2.20 19.28 4.88
CA SER A 111 4.27 19.22 5.43
C SER A 111 2.90 18.59 6.05
C SER A 111 3.99 18.16 6.50
N GLN A 112 2.24 18.61 7.21
N GLN A 112 3.46 18.62 7.64
CA GLN A 112 2.82 18.01 8.40
CA GLN A 112 3.44 17.80 8.85
C GLN A 112 1.70 17.73 9.39
C GLN A 112 2.09 17.79 9.57
N ILE A 113 1.80 16.61 10.12
CA ILE A 113 0.87 16.37 11.22
C ILE A 113 1.68 16.49 12.51
N SER A 114 1.16 17.18 13.51
CA SER A 114 1.93 17.38 14.74
C SER A 114 1.06 17.20 15.98
N GLY A 115 1.74 17.00 17.12
CA GLY A 115 1.07 16.84 18.39
C GLY A 115 2.07 16.46 19.46
N PHE A 116 1.73 15.50 20.33
CA PHE A 116 2.63 15.09 21.39
C PHE A 116 2.54 13.58 21.57
N TYR A 117 3.50 13.02 22.30
CA TYR A 117 3.55 11.58 22.52
C TYR A 117 2.92 11.22 23.85
N PHE A 118 2.30 10.05 23.90
CA PHE A 118 1.84 9.46 25.15
C PHE A 118 1.93 7.95 25.00
N SER A 119 1.93 7.24 26.14
CA SER A 119 1.83 5.80 26.08
C SER A 119 0.51 5.32 26.67
N ASP A 120 0.04 4.18 26.17
CA ASP A 120 -1.17 3.56 26.68
C ASP A 120 -1.18 2.11 26.21
N VAL A 121 -2.15 1.36 26.70
CA VAL A 121 -2.26 -0.04 26.33
C VAL A 121 -2.90 -0.15 24.96
N VAL A 122 -2.38 -1.05 24.14
CA VAL A 122 -2.92 -1.38 22.84
C VAL A 122 -3.34 -2.84 22.87
N SER A 123 -4.50 -3.13 22.30
CA SER A 123 -5.03 -4.50 22.30
C SER A 123 -5.45 -4.85 20.88
N VAL A 124 -4.82 -5.87 20.32
CA VAL A 124 -5.08 -6.37 18.98
C VAL A 124 -5.84 -7.69 19.13
N VAL A 125 -7.04 -7.76 18.59
CA VAL A 125 -7.89 -8.95 18.71
C VAL A 125 -8.21 -9.45 17.31
N SER A 126 -7.92 -10.72 17.06
CA SER A 126 -8.20 -11.34 15.78
C SER A 126 -9.69 -11.64 15.66
N TYR A 127 -10.17 -11.87 14.44
CA TYR A 127 -11.58 -12.17 14.36
C TYR A 127 -11.91 -13.58 14.82
N ASN A 128 -10.91 -14.35 15.27
CA ASN A 128 -11.13 -15.58 16.02
C ASN A 128 -10.97 -15.38 17.52
N ASN A 129 -11.02 -14.12 17.97
CA ASN A 129 -11.01 -13.79 19.40
C ASN A 129 -9.70 -14.21 20.07
N GLU A 130 -8.60 -13.86 19.43
CA GLU A 130 -7.26 -14.09 19.97
C GLU A 130 -6.62 -12.73 20.21
N ARG A 131 -6.24 -12.46 21.46
CA ARG A 131 -5.88 -11.11 21.89
C ARG A 131 -4.40 -11.01 22.21
N VAL A 132 -3.79 -9.91 21.78
CA VAL A 132 -2.42 -9.56 22.13
C VAL A 132 -2.45 -8.13 22.66
N THR A 133 -1.85 -7.91 23.84
CA THR A 133 -1.90 -6.61 24.48
C THR A 133 -0.51 -6.18 24.91
N PHE A 134 -0.23 -4.89 24.76
CA PHE A 134 1.04 -4.30 25.19
C PHE A 134 0.88 -2.79 25.26
N ARG A 135 1.86 -2.13 25.89
CA ARG A 135 1.92 -0.66 25.88
C ARG A 135 2.71 -0.19 24.67
N LYS A 136 2.25 0.92 24.08
CA LYS A 136 2.90 1.51 22.92
C LYS A 136 3.01 3.03 23.12
N LEU A 137 4.13 3.59 22.68
CA LEU A 137 4.29 5.04 22.63
C LEU A 137 3.67 5.54 21.33
N MET A 138 2.62 6.36 21.46
CA MET A 138 1.78 6.76 20.36
C MET A 138 1.74 8.27 20.22
N GLY A 139 1.36 8.74 19.03
CA GLY A 139 1.24 10.16 18.78
C GLY A 139 -0.21 10.61 18.87
N CYS A 140 -0.41 11.70 19.62
CA CYS A 140 -1.68 12.42 19.62
C CYS A 140 -1.59 13.54 18.59
N HIS A 141 -2.45 13.51 17.57
CA HIS A 141 -2.53 14.63 16.65
C HIS A 141 -3.21 15.80 17.34
N MET A 142 -2.55 16.95 17.37
CA MET A 142 -3.17 18.19 17.81
C MET A 142 -3.27 19.20 16.68
N HIS A 143 -2.75 18.85 15.51
CA HIS A 143 -2.90 19.66 14.30
C HIS A 143 -2.91 18.71 13.12
N GLU A 144 -3.99 18.75 12.34
CA GLU A 144 -4.07 18.01 11.10
C GLU A 144 -4.26 19.00 9.96
N GLU A 145 -3.97 18.55 8.74
CA GLU A 145 -4.16 19.42 7.57
C GLU A 145 -4.23 18.55 6.32
N SER A 146 -4.48 19.22 5.19
CA SER A 146 -4.46 18.57 3.86
C SER A 146 -5.34 17.33 3.92
N LEU A 147 -4.88 16.18 3.42
CA LEU A 147 -5.77 15.02 3.29
C LEU A 147 -6.25 14.50 4.63
N PHE A 148 -5.55 14.79 5.74
CA PHE A 148 -6.04 14.30 7.01
C PHE A 148 -7.32 14.99 7.46
N LEU A 149 -7.69 16.11 6.83
CA LEU A 149 -8.96 16.74 7.18
C LEU A 149 -10.15 16.12 6.45
N TYR A 150 -9.94 15.22 5.50
CA TYR A 150 -11.06 14.55 4.86
C TYR A 150 -10.93 13.04 4.80
N GLN A 151 -9.89 12.46 5.39
CA GLN A 151 -9.78 11.00 5.47
C GLN A 151 -10.75 10.46 6.50
N GLN A 152 -11.41 9.35 6.14
CA GLN A 152 -12.36 8.71 7.04
C GLN A 152 -11.65 7.98 8.17
N ALA A 153 -10.58 7.25 7.87
CA ALA A 153 -9.87 6.53 8.92
C ALA A 153 -9.39 7.50 9.99
N THR A 154 -9.38 7.03 11.24
CA THR A 154 -9.07 7.94 12.33
C THR A 154 -7.57 8.16 12.53
N GLY A 155 -6.75 7.14 12.27
CA GLY A 155 -5.32 7.34 12.37
C GLY A 155 -4.49 6.45 11.46
N VAL A 156 -3.19 6.33 11.76
CA VAL A 156 -2.26 5.56 10.95
C VAL A 156 -1.57 4.51 11.82
N LEU A 157 -1.51 3.29 11.31
CA LEU A 157 -0.77 2.19 11.94
C LEU A 157 0.45 1.87 11.07
N GLY A 158 1.61 2.37 11.48
CA GLY A 158 2.84 2.11 10.74
C GLY A 158 3.37 0.72 11.05
N MET A 159 3.69 -0.03 10.00
CA MET A 159 4.08 -1.44 10.16
C MET A 159 5.56 -1.69 9.93
N SER A 160 6.41 -0.65 9.89
CA SER A 160 7.82 -0.89 9.62
C SER A 160 8.57 -1.23 10.93
N LEU A 161 9.85 -1.59 10.80
CA LEU A 161 10.59 -2.22 11.89
C LEU A 161 11.19 -1.21 12.85
N SER A 162 11.43 -1.68 14.08
CA SER A 162 12.10 -0.88 15.10
C SER A 162 13.58 -0.72 14.77
N LYS A 163 14.11 0.47 15.04
CA LYS A 163 15.53 0.72 14.90
C LYS A 163 16.21 0.77 16.27
N PRO A 164 17.50 0.48 16.35
CA PRO A 164 18.19 0.57 17.64
C PRO A 164 18.14 1.99 18.17
N GLN A 165 17.79 2.13 19.45
CA GLN A 165 17.64 3.40 20.15
C GLN A 165 16.42 4.19 19.68
N GLY A 166 15.55 3.60 18.84
CA GLY A 166 14.34 4.25 18.40
C GLY A 166 13.12 3.78 19.19
N ILE A 167 11.99 4.41 18.91
CA ILE A 167 10.75 4.03 19.55
C ILE A 167 10.35 2.63 19.08
N PRO A 168 10.06 1.70 19.97
CA PRO A 168 9.63 0.36 19.54
C PRO A 168 8.32 0.44 18.77
N THR A 169 8.32 -0.19 17.59
CA THR A 169 7.17 -0.12 16.70
C THR A 169 6.15 -1.20 16.99
N PHE A 170 4.96 -1.02 16.42
CA PHE A 170 3.84 -1.93 16.60
C PHE A 170 4.21 -3.36 16.22
N VAL A 171 4.82 -3.56 15.05
CA VAL A 171 5.03 -4.92 14.57
C VAL A 171 5.98 -5.66 15.51
N ASN A 172 7.05 -5.00 15.96
CA ASN A 172 7.97 -5.68 16.87
C ASN A 172 7.32 -5.94 18.22
N LEU A 173 6.52 -4.99 18.72
CA LEU A 173 5.85 -5.21 20.00
C LEU A 173 4.84 -6.35 19.90
N LEU A 174 4.08 -6.41 18.80
CA LEU A 174 3.11 -7.48 18.62
C LEU A 174 3.78 -8.85 18.70
N PHE A 175 4.86 -9.05 17.95
CA PHE A 175 5.48 -10.36 17.98
C PHE A 175 6.21 -10.62 19.28
N ASP A 176 6.81 -9.59 19.90
CA ASP A 176 7.44 -9.77 21.22
C ASP A 176 6.44 -10.26 22.25
N ASN A 177 5.18 -9.88 22.11
CA ASN A 177 4.14 -10.24 23.05
C ASN A 177 3.28 -11.41 22.55
N ALA A 178 3.61 -12.01 21.41
CA ALA A 178 2.92 -13.18 20.90
C ALA A 178 3.95 -14.21 20.45
N PRO A 179 4.74 -14.76 21.40
CA PRO A 179 5.76 -15.75 21.03
C PRO A 179 5.19 -17.02 20.44
N GLN A 180 3.88 -17.24 20.54
CA GLN A 180 3.23 -18.37 19.88
C GLN A 180 3.15 -18.19 18.36
N LEU A 181 3.53 -17.03 17.84
CA LEU A 181 3.49 -16.74 16.42
C LEU A 181 4.90 -16.69 15.86
N LYS A 182 5.07 -17.24 14.65
CA LYS A 182 6.28 -16.95 13.89
C LYS A 182 6.26 -15.49 13.44
N GLN A 183 7.45 -14.89 13.35
CA GLN A 183 7.55 -13.44 13.12
C GLN A 183 7.39 -13.14 11.63
N VAL A 184 6.16 -13.33 11.16
CA VAL A 184 5.79 -13.12 9.77
C VAL A 184 4.40 -12.49 9.76
N PHE A 185 4.22 -11.42 8.97
CA PHE A 185 2.87 -10.94 8.74
C PHE A 185 2.63 -10.84 7.23
N THR A 186 1.39 -11.07 6.85
CA THR A 186 0.98 -11.09 5.46
C THR A 186 -0.19 -10.14 5.25
N ILE A 187 -0.16 -9.40 4.16
CA ILE A 187 -1.26 -8.52 3.76
C ILE A 187 -1.86 -9.10 2.50
N CYS A 188 -3.19 -9.30 2.51
CA CYS A 188 -3.92 -9.87 1.36
C CYS A 188 -5.03 -8.89 0.99
N ILE A 189 -4.73 -8.01 0.04
CA ILE A 189 -5.64 -6.96 -0.42
C ILE A 189 -6.54 -7.49 -1.53
N SER A 190 -7.85 -7.32 -1.39
CA SER A 190 -8.79 -7.54 -2.49
C SER A 190 -9.35 -6.20 -3.00
N GLU A 191 -10.20 -6.25 -4.01
CA GLU A 191 -10.79 -5.03 -4.53
C GLU A 191 -11.58 -4.30 -3.45
N ASN A 192 -12.20 -5.05 -2.53
CA ASN A 192 -12.96 -4.47 -1.44
CA ASN A 192 -12.99 -4.48 -1.44
C ASN A 192 -12.57 -5.18 -0.15
N GLY A 193 -11.84 -4.48 0.71
CA GLY A 193 -11.39 -5.09 1.94
C GLY A 193 -10.25 -6.06 1.71
N GLY A 194 -9.87 -6.73 2.78
CA GLY A 194 -8.78 -7.69 2.70
C GLY A 194 -8.49 -8.28 4.07
N GLU A 195 -7.25 -8.73 4.28
CA GLU A 195 -6.93 -9.38 5.54
C GLU A 195 -5.47 -9.15 5.88
N LEU A 196 -5.20 -8.95 7.16
CA LEU A 196 -3.86 -8.98 7.71
C LEU A 196 -3.71 -10.29 8.47
N ILE A 197 -2.60 -11.00 8.24
CA ILE A 197 -2.32 -12.27 8.90
C ILE A 197 -1.02 -12.12 9.68
N ALA A 198 -1.06 -12.50 10.97
CA ALA A 198 0.13 -12.54 11.79
C ALA A 198 0.49 -13.99 12.08
N GLY A 199 1.76 -14.36 11.88
CA GLY A 199 2.26 -15.70 12.10
C GLY A 199 2.61 -16.46 10.84
N GLY A 200 2.32 -15.92 9.67
CA GLY A 200 2.64 -16.59 8.43
C GLY A 200 1.74 -16.09 7.31
N TYR A 201 1.64 -16.91 6.27
CA TYR A 201 0.66 -16.71 5.22
C TYR A 201 -0.27 -17.91 5.20
N ASP A 202 -1.41 -17.77 4.53
CA ASP A 202 -2.36 -18.87 4.48
C ASP A 202 -2.27 -19.53 3.12
N PRO A 203 -1.75 -20.76 3.00
CA PRO A 203 -1.63 -21.38 1.68
C PRO A 203 -2.98 -21.64 1.03
N ALA A 204 -4.07 -21.67 1.80
CA ALA A 204 -5.38 -21.91 1.22
C ALA A 204 -5.85 -20.76 0.33
N TYR A 205 -5.33 -19.56 0.56
CA TYR A 205 -5.69 -18.42 -0.29
C TYR A 205 -4.99 -18.46 -1.64
N ILE A 206 -3.96 -19.29 -1.82
CA ILE A 206 -3.17 -19.26 -3.04
C ILE A 206 -4.00 -19.74 -4.22
N VAL A 207 -3.86 -19.06 -5.35
CA VAL A 207 -4.54 -19.46 -6.57
C VAL A 207 -3.95 -20.77 -7.09
N ARG A 208 -4.82 -21.72 -7.40
CA ARG A 208 -4.39 -23.04 -7.88
C ARG A 208 -4.48 -23.16 -9.40
N ALA A 237 5.65 -24.72 -14.54
CA ALA A 237 5.18 -23.40 -14.95
C ALA A 237 3.96 -22.97 -14.14
N LEU A 238 2.87 -23.74 -14.28
CA LEU A 238 1.69 -23.48 -13.45
C LEU A 238 1.98 -23.81 -12.00
N ARG A 239 2.75 -24.88 -11.74
CA ARG A 239 3.15 -25.20 -10.39
C ARG A 239 4.10 -24.15 -9.82
N GLU A 240 4.83 -23.45 -10.69
CA GLU A 240 5.70 -22.38 -10.24
C GLU A 240 4.91 -21.19 -9.73
N ALA A 241 3.73 -20.93 -10.31
CA ALA A 241 2.90 -19.80 -9.92
C ALA A 241 2.13 -20.05 -8.63
N GLU A 242 2.03 -21.29 -8.17
CA GLU A 242 1.41 -21.60 -6.89
C GLU A 242 2.39 -21.49 -5.73
N LYS A 243 3.64 -21.14 -6.02
CA LYS A 243 4.70 -21.09 -5.01
C LYS A 243 5.07 -19.64 -4.72
N VAL A 244 5.33 -19.37 -3.45
CA VAL A 244 5.80 -18.05 -3.05
C VAL A 244 7.14 -17.76 -3.71
N VAL A 245 7.27 -16.55 -4.24
CA VAL A 245 8.54 -16.02 -4.72
C VAL A 245 9.08 -15.06 -3.67
N TRP A 246 10.30 -15.31 -3.18
CA TRP A 246 10.91 -14.52 -2.12
C TRP A 246 11.97 -13.57 -2.69
N GLU A 247 12.01 -12.35 -2.14
CA GLU A 247 13.05 -11.37 -2.41
C GLU A 247 13.64 -10.84 -1.11
N ASN A 248 14.97 -10.76 -1.06
CA ASN A 248 15.64 -10.18 0.09
C ASN A 248 15.35 -8.68 0.19
N VAL A 249 15.11 -8.21 1.41
CA VAL A 249 14.99 -6.78 1.66
C VAL A 249 16.37 -6.15 1.63
N THR A 250 16.48 -4.99 1.00
CA THR A 250 17.77 -4.36 0.76
C THR A 250 18.15 -3.33 1.80
N ARG A 251 17.30 -3.11 2.81
CA ARG A 251 17.60 -2.21 3.90
C ARG A 251 17.18 -2.85 5.21
N LYS A 252 17.84 -2.47 6.30
CA LYS A 252 17.64 -3.16 7.57
C LYS A 252 16.24 -2.96 8.12
N TYR A 253 15.75 -1.72 8.11
CA TYR A 253 14.53 -1.39 8.84
C TYR A 253 13.42 -0.83 7.97
N TYR A 254 13.54 -0.94 6.64
CA TYR A 254 12.49 -0.52 5.73
C TYR A 254 12.33 -1.60 4.66
N TYR A 255 11.11 -1.71 4.12
CA TYR A 255 10.75 -2.83 3.25
C TYR A 255 11.03 -2.49 1.78
N TYR A 256 12.32 -2.38 1.45
CA TYR A 256 12.74 -2.18 0.07
C TYR A 256 13.18 -3.50 -0.55
N ILE A 257 12.88 -3.68 -1.83
CA ILE A 257 13.42 -4.76 -2.65
C ILE A 257 13.94 -4.15 -3.94
N LYS A 258 14.80 -4.90 -4.63
CA LYS A 258 15.42 -4.44 -5.87
C LYS A 258 14.67 -5.01 -7.07
N VAL A 259 14.19 -4.12 -7.94
CA VAL A 259 13.55 -4.50 -9.20
C VAL A 259 14.57 -4.34 -10.31
N ARG A 260 14.73 -5.37 -11.14
CA ARG A 260 15.79 -5.40 -12.13
C ARG A 260 15.29 -5.20 -13.55
N GLY A 261 14.00 -5.01 -13.74
CA GLY A 261 13.45 -4.77 -15.06
C GLY A 261 11.94 -4.77 -15.01
N LEU A 262 11.32 -4.23 -16.05
CA LEU A 262 9.87 -4.24 -16.13
C LEU A 262 9.50 -4.39 -17.59
N ASP A 263 8.86 -5.51 -17.92
CA ASP A 263 8.59 -5.91 -19.29
C ASP A 263 7.14 -5.62 -19.67
N MET A 264 6.96 -5.11 -20.88
CA MET A 264 5.66 -5.04 -21.52
C MET A 264 5.82 -5.56 -22.94
N PHE A 265 4.99 -6.51 -23.33
CA PHE A 265 5.12 -7.17 -24.63
C PHE A 265 6.54 -7.68 -24.86
N GLY A 266 7.08 -8.34 -23.83
CA GLY A 266 8.40 -8.94 -23.89
C GLY A 266 9.56 -7.98 -23.94
N THR A 267 9.32 -6.68 -23.72
CA THR A 267 10.32 -5.66 -23.91
C THR A 267 10.58 -4.96 -22.59
N ASN A 268 11.84 -4.98 -22.14
CA ASN A 268 12.22 -4.30 -20.90
C ASN A 268 12.16 -2.80 -21.11
N MET A 269 11.27 -2.13 -20.38
CA MET A 269 11.05 -0.70 -20.54
C MET A 269 11.90 0.15 -19.61
N MET A 270 12.81 -0.44 -18.84
CA MET A 270 13.77 0.36 -18.07
C MET A 270 15.19 -0.13 -18.28
N SER A 271 15.50 -0.62 -19.48
CA SER A 271 16.78 -1.28 -19.73
C SER A 271 17.97 -0.45 -19.28
N SER A 272 17.81 0.88 -19.16
CA SER A 272 18.91 1.71 -18.70
C SER A 272 19.28 1.46 -17.24
N SER A 273 18.38 0.83 -16.47
CA SER A 273 18.59 0.61 -15.05
C SER A 273 18.55 -0.89 -14.76
N LYS A 274 19.52 -1.38 -13.98
CA LYS A 274 19.67 -2.82 -13.76
C LYS A 274 19.54 -3.21 -12.30
N GLY A 275 18.91 -2.36 -11.48
CA GLY A 275 18.54 -2.66 -10.11
C GLY A 275 17.78 -1.42 -9.66
N LEU A 276 16.67 -1.55 -8.95
CA LEU A 276 15.96 -0.34 -8.51
C LEU A 276 15.28 -0.66 -7.20
N GLU A 277 15.72 -0.01 -6.11
CA GLU A 277 15.12 -0.26 -4.80
C GLU A 277 13.75 0.39 -4.76
N MET A 278 12.72 -0.43 -4.59
CA MET A 278 11.34 0.04 -4.51
C MET A 278 10.78 -0.33 -3.16
N LEU A 279 10.05 0.60 -2.55
CA LEU A 279 9.45 0.39 -1.25
C LEU A 279 8.15 -0.40 -1.40
N VAL A 280 7.99 -1.44 -0.57
CA VAL A 280 6.79 -2.27 -0.59
C VAL A 280 5.83 -1.64 0.43
N ASP A 281 4.91 -0.81 -0.06
CA ASP A 281 4.22 0.20 0.76
C ASP A 281 2.70 0.05 0.67
N SER A 282 2.10 -0.56 1.70
CA SER A 282 0.66 -0.72 1.74
C SER A 282 -0.06 0.61 1.95
N GLY A 283 0.65 1.65 2.37
CA GLY A 283 0.10 2.98 2.55
C GLY A 283 0.12 3.84 1.29
N SER A 284 0.55 3.30 0.16
CA SER A 284 0.55 4.03 -1.12
C SER A 284 -0.57 3.48 -2.00
N THR A 285 -1.51 4.36 -2.37
CA THR A 285 -2.63 3.93 -3.19
C THR A 285 -2.15 3.28 -4.48
N PHE A 286 -1.24 3.96 -5.18
CA PHE A 286 -0.80 3.52 -6.50
C PHE A 286 0.64 3.05 -6.46
N THR A 287 1.08 2.47 -7.57
CA THR A 287 2.46 2.06 -7.75
C THR A 287 3.18 3.16 -8.50
N HIS A 288 4.32 3.60 -7.98
CA HIS A 288 5.03 4.77 -8.48
C HIS A 288 6.37 4.36 -9.06
N ILE A 289 6.62 4.77 -10.31
CA ILE A 289 7.79 4.28 -11.04
C ILE A 289 8.55 5.44 -11.66
N PRO A 290 9.82 5.23 -12.02
CA PRO A 290 10.60 6.30 -12.65
C PRO A 290 9.93 6.85 -13.89
N GLU A 291 10.24 8.11 -14.16
CA GLU A 291 9.53 8.89 -15.17
CA GLU A 291 9.50 8.86 -15.18
C GLU A 291 9.71 8.29 -16.58
N ASP A 292 10.93 7.85 -16.89
CA ASP A 292 11.20 7.28 -18.23
C ASP A 292 10.38 6.03 -18.45
N LEU A 293 10.40 5.13 -17.45
CA LEU A 293 9.63 3.90 -17.53
C LEU A 293 8.15 4.19 -17.64
N TYR A 294 7.65 5.13 -16.83
CA TYR A 294 6.24 5.48 -16.91
C TYR A 294 5.87 5.96 -18.31
N ASN A 295 6.69 6.83 -18.90
CA ASN A 295 6.34 7.36 -20.22
C ASN A 295 6.32 6.25 -21.26
N LYS A 296 7.22 5.27 -21.16
CA LYS A 296 7.22 4.18 -22.13
C LYS A 296 5.96 3.32 -21.97
N LEU A 297 5.63 2.93 -20.74
CA LEU A 297 4.40 2.17 -20.50
C LEU A 297 3.18 2.96 -20.94
N ASN A 298 3.11 4.23 -20.57
CA ASN A 298 1.91 5.00 -20.82
C ASN A 298 1.69 5.21 -22.30
N TYR A 299 2.78 5.28 -23.07
CA TYR A 299 2.67 5.36 -24.52
C TYR A 299 1.83 4.21 -25.06
N PHE A 300 2.10 2.99 -24.62
CA PHE A 300 1.35 1.84 -25.09
C PHE A 300 -0.04 1.77 -24.48
N PHE A 301 -0.20 2.15 -23.21
CA PHE A 301 -1.55 2.16 -22.65
C PHE A 301 -2.43 3.17 -23.37
N ASP A 302 -1.86 4.30 -23.82
CA ASP A 302 -2.62 5.26 -24.62
C ASP A 302 -3.07 4.64 -25.94
N ILE A 303 -2.21 3.82 -26.57
CA ILE A 303 -2.60 3.20 -27.84
C ILE A 303 -3.74 2.23 -27.61
N LEU A 304 -3.74 1.52 -26.48
CA LEU A 304 -4.78 0.57 -26.17
C LEU A 304 -6.06 1.22 -25.66
N CYS A 305 -6.08 2.54 -25.52
CA CYS A 305 -7.22 3.28 -24.97
C CYS A 305 -7.97 3.94 -26.13
N ILE A 306 -9.08 3.33 -26.52
CA ILE A 306 -9.88 3.78 -27.66
C ILE A 306 -11.25 4.19 -27.12
N GLN A 307 -11.60 5.46 -27.31
CA GLN A 307 -12.86 5.99 -26.78
C GLN A 307 -14.07 5.48 -27.56
N ASP A 308 -13.94 5.31 -28.88
CA ASP A 308 -15.07 5.03 -29.74
C ASP A 308 -14.63 4.02 -30.79
N MET A 309 -15.12 2.79 -30.69
CA MET A 309 -14.67 1.75 -31.60
C MET A 309 -15.20 1.94 -33.01
N ASN A 310 -16.14 2.87 -33.21
CA ASN A 310 -16.66 3.15 -34.54
C ASN A 310 -16.08 4.40 -35.17
N ASN A 311 -15.09 5.03 -34.54
CA ASN A 311 -14.40 6.17 -35.14
C ASN A 311 -13.23 5.65 -35.96
N ALA A 312 -13.38 5.70 -37.29
CA ALA A 312 -12.37 5.11 -38.17
C ALA A 312 -11.02 5.77 -38.01
N TYR A 313 -10.99 7.11 -37.94
CA TYR A 313 -9.70 7.78 -37.81
C TYR A 313 -8.92 7.26 -36.61
N ASP A 314 -9.61 7.11 -35.47
CA ASP A 314 -8.95 6.68 -34.25
C ASP A 314 -8.49 5.23 -34.34
N VAL A 315 -9.36 4.35 -34.82
CA VAL A 315 -9.03 2.94 -34.95
C VAL A 315 -7.96 2.73 -36.01
N ASN A 316 -8.15 3.35 -37.19
CA ASN A 316 -7.20 3.20 -38.30
C ASN A 316 -5.79 3.59 -37.88
N LYS A 317 -5.66 4.70 -37.15
CA LYS A 317 -4.35 5.17 -36.73
C LYS A 317 -3.62 4.13 -35.90
N ARG A 318 -4.35 3.40 -35.07
CA ARG A 318 -3.75 2.38 -34.23
C ARG A 318 -3.44 1.11 -35.01
N LEU A 319 -4.38 0.65 -35.85
CA LEU A 319 -4.14 -0.58 -36.59
C LEU A 319 -3.06 -0.40 -37.66
N LYS A 320 -2.76 0.83 -38.07
CA LYS A 320 -1.73 1.06 -39.06
C LYS A 320 -0.32 0.97 -38.48
N MET A 321 -0.18 1.09 -37.16
CA MET A 321 1.13 1.12 -36.53
C MET A 321 1.86 -0.20 -36.75
N THR A 322 3.14 -0.10 -37.10
CA THR A 322 4.00 -1.26 -37.25
C THR A 322 5.07 -1.23 -36.17
N ASN A 323 5.85 -2.31 -36.13
CA ASN A 323 6.99 -2.37 -35.22
C ASN A 323 7.89 -1.15 -35.38
N GLU A 324 8.00 -0.62 -36.59
CA GLU A 324 8.81 0.57 -36.84
C GLU A 324 8.15 1.85 -36.37
N SER A 325 6.83 1.83 -36.14
CA SER A 325 6.14 3.04 -35.69
C SER A 325 6.64 3.50 -34.34
N PHE A 326 7.18 2.58 -33.54
CA PHE A 326 7.50 2.86 -32.15
C PHE A 326 8.90 3.40 -32.00
N ASN A 327 9.06 4.36 -31.09
CA ASN A 327 10.40 4.77 -30.67
C ASN A 327 11.15 3.58 -30.08
N ASN A 328 10.48 2.82 -29.21
CA ASN A 328 11.05 1.61 -28.63
C ASN A 328 10.39 0.39 -29.25
N PRO A 329 11.06 -0.30 -30.18
CA PRO A 329 10.45 -1.49 -30.79
C PRO A 329 10.15 -2.55 -29.74
N LEU A 330 9.16 -3.37 -30.03
CA LEU A 330 8.72 -4.42 -29.12
C LEU A 330 9.31 -5.76 -29.55
N VAL A 331 9.71 -6.56 -28.56
CA VAL A 331 10.20 -7.90 -28.84
C VAL A 331 9.05 -8.80 -29.27
N GLN A 332 7.88 -8.61 -28.69
CA GLN A 332 6.69 -9.41 -29.01
C GLN A 332 5.64 -8.51 -29.65
N PHE A 333 5.92 -8.01 -30.85
CA PHE A 333 4.95 -7.15 -31.51
C PHE A 333 3.65 -7.88 -31.78
N ASP A 334 3.70 -9.20 -31.99
CA ASP A 334 2.48 -9.96 -32.23
C ASP A 334 1.56 -9.96 -31.01
N ASP A 335 2.14 -9.92 -29.81
CA ASP A 335 1.31 -9.85 -28.61
C ASP A 335 0.69 -8.47 -28.45
N PHE A 336 1.42 -7.41 -28.82
CA PHE A 336 0.79 -6.10 -28.88
C PHE A 336 -0.40 -6.12 -29.85
N ARG A 337 -0.21 -6.73 -31.02
CA ARG A 337 -1.30 -6.79 -31.98
C ARG A 337 -2.49 -7.57 -31.43
N LYS A 338 -2.24 -8.69 -30.76
CA LYS A 338 -3.34 -9.47 -30.21
C LYS A 338 -4.10 -8.67 -29.16
N SER A 339 -3.39 -7.94 -28.31
CA SER A 339 -4.05 -7.09 -27.33
C SER A 339 -4.90 -6.03 -28.01
N LEU A 340 -4.29 -5.27 -28.93
CA LEU A 340 -5.02 -4.21 -29.62
C LEU A 340 -6.25 -4.76 -30.34
N LYS A 341 -6.07 -5.83 -31.11
CA LYS A 341 -7.19 -6.38 -31.89
C LYS A 341 -8.31 -6.87 -31.00
N SER A 342 -7.97 -7.53 -29.88
CA SER A 342 -9.03 -8.06 -29.03
C SER A 342 -9.74 -6.94 -28.27
N ILE A 343 -9.03 -5.89 -27.88
CA ILE A 343 -9.68 -4.74 -27.27
C ILE A 343 -10.69 -4.13 -28.25
N ILE A 344 -10.29 -3.98 -29.51
CA ILE A 344 -11.20 -3.43 -30.50
C ILE A 344 -12.36 -4.38 -30.75
N ALA A 345 -12.07 -5.67 -30.95
CA ALA A 345 -13.10 -6.63 -31.31
C ALA A 345 -14.11 -6.82 -30.20
N LYS A 346 -13.67 -6.79 -28.95
CA LYS A 346 -14.58 -6.94 -27.83
C LYS A 346 -15.20 -5.61 -27.38
N GLU A 347 -14.92 -4.53 -28.12
CA GLU A 347 -15.46 -3.21 -27.79
C GLU A 347 -15.14 -2.87 -26.33
N ASN A 348 -13.89 -3.10 -25.96
CA ASN A 348 -13.41 -2.75 -24.63
C ASN A 348 -13.05 -1.27 -24.62
N MET A 349 -14.11 -0.46 -24.55
CA MET A 349 -14.00 0.99 -24.67
C MET A 349 -13.23 1.59 -23.50
N CYS A 350 -12.57 2.69 -23.76
CA CYS A 350 -11.75 3.34 -22.74
C CYS A 350 -12.19 4.78 -22.56
N VAL A 351 -12.26 5.21 -21.31
CA VAL A 351 -12.57 6.59 -20.94
C VAL A 351 -11.37 7.15 -20.20
N LYS A 352 -11.00 8.38 -20.51
CA LYS A 352 -9.91 9.05 -19.81
C LYS A 352 -10.49 10.00 -18.78
N ILE A 353 -10.02 9.89 -17.55
CA ILE A 353 -10.53 10.71 -16.46
C ILE A 353 -9.50 11.78 -16.11
N VAL A 354 -9.69 12.44 -14.96
CA VAL A 354 -8.81 13.53 -14.57
C VAL A 354 -7.36 13.11 -14.72
N ASP A 355 -6.55 14.00 -15.29
CA ASP A 355 -5.12 13.80 -15.47
C ASP A 355 -4.78 12.73 -16.50
N GLY A 356 -5.72 12.42 -17.40
CA GLY A 356 -5.44 11.49 -18.46
C GLY A 356 -5.26 10.05 -18.04
N VAL A 357 -5.77 9.67 -16.88
CA VAL A 357 -5.76 8.27 -16.46
C VAL A 357 -6.74 7.48 -17.31
N GLN A 358 -6.29 6.34 -17.84
CA GLN A 358 -7.11 5.50 -18.69
C GLN A 358 -7.96 4.54 -17.85
N CYS A 359 -9.23 4.39 -18.25
CA CYS A 359 -10.15 3.44 -17.64
C CYS A 359 -10.84 2.61 -18.72
N TRP A 360 -10.77 1.28 -18.60
CA TRP A 360 -11.33 0.37 -19.57
C TRP A 360 -12.58 -0.32 -19.03
N LYS A 361 -13.46 -0.69 -19.95
CA LYS A 361 -14.70 -1.36 -19.57
C LYS A 361 -14.44 -2.75 -19.01
N TYR A 362 -13.40 -3.44 -19.49
CA TYR A 362 -13.13 -4.83 -19.11
C TYR A 362 -11.65 -5.03 -18.85
N LEU A 363 -11.35 -5.98 -17.96
CA LEU A 363 -9.97 -6.41 -17.79
C LEU A 363 -9.46 -7.20 -18.98
N GLU A 364 -10.34 -7.99 -19.62
CA GLU A 364 -9.92 -8.84 -20.73
C GLU A 364 -9.30 -8.02 -21.84
N GLY A 365 -8.14 -8.49 -22.34
CA GLY A 365 -7.43 -7.87 -23.43
C GLY A 365 -6.22 -7.06 -23.01
N LEU A 366 -6.22 -6.53 -21.79
CA LEU A 366 -5.09 -5.75 -21.32
C LEU A 366 -3.90 -6.67 -21.07
N PRO A 367 -2.68 -6.18 -21.29
CA PRO A 367 -1.50 -7.05 -21.18
C PRO A 367 -1.04 -7.25 -19.75
N ASP A 368 -0.45 -8.41 -19.50
CA ASP A 368 0.32 -8.56 -18.27
C ASP A 368 1.57 -7.71 -18.38
N LEU A 369 2.00 -7.17 -17.24
CA LEU A 369 3.34 -6.65 -17.10
C LEU A 369 4.15 -7.66 -16.31
N PHE A 370 5.48 -7.58 -16.41
CA PHE A 370 6.35 -8.50 -15.68
C PHE A 370 7.45 -7.73 -14.97
N VAL A 371 7.57 -7.95 -13.67
CA VAL A 371 8.60 -7.33 -12.85
C VAL A 371 9.74 -8.34 -12.73
N THR A 372 10.93 -7.96 -13.20
CA THR A 372 12.08 -8.84 -13.11
C THR A 372 12.71 -8.71 -11.73
N LEU A 373 12.89 -9.85 -11.06
CA LEU A 373 13.48 -9.91 -9.73
C LEU A 373 14.83 -10.63 -9.83
N SER A 374 15.25 -11.26 -8.73
CA SER A 374 16.51 -12.00 -8.71
C SER A 374 16.48 -13.18 -9.68
N ASN A 375 17.67 -13.57 -10.14
CA ASN A 375 17.83 -14.76 -10.97
C ASN A 375 16.90 -14.74 -12.18
N ASN A 376 16.66 -13.54 -12.70
CA ASN A 376 15.92 -13.36 -13.95
C ASN A 376 14.47 -13.80 -13.84
N TYR A 377 13.95 -13.92 -12.62
CA TYR A 377 12.57 -14.33 -12.44
C TYR A 377 11.62 -13.22 -12.88
N LYS A 378 10.60 -13.59 -13.66
CA LYS A 378 9.61 -12.66 -14.19
C LYS A 378 8.32 -12.82 -13.38
N MET A 379 8.05 -11.86 -12.50
CA MET A 379 6.84 -11.89 -11.69
C MET A 379 5.70 -11.23 -12.46
N LYS A 380 4.64 -12.00 -12.71
CA LYS A 380 3.51 -11.51 -13.49
C LYS A 380 2.73 -10.46 -12.69
N TRP A 381 2.46 -9.32 -13.32
CA TRP A 381 1.69 -8.24 -12.72
C TRP A 381 0.47 -8.05 -13.60
N GLN A 382 -0.69 -8.53 -13.14
CA GLN A 382 -1.87 -8.69 -14.00
C GLN A 382 -2.74 -7.45 -13.99
N PRO A 383 -3.55 -7.26 -15.02
CA PRO A 383 -4.50 -6.14 -15.02
C PRO A 383 -5.41 -6.13 -13.79
N HIS A 384 -5.80 -7.29 -13.25
CA HIS A 384 -6.67 -7.24 -12.08
C HIS A 384 -5.96 -6.72 -10.84
N SER A 385 -4.66 -6.49 -10.91
CA SER A 385 -3.92 -5.78 -9.87
C SER A 385 -3.64 -4.33 -10.24
N TYR A 386 -3.03 -4.07 -11.41
CA TYR A 386 -2.59 -2.71 -11.69
C TYR A 386 -3.72 -1.80 -12.17
N LEU A 387 -4.85 -2.36 -12.58
CA LEU A 387 -6.09 -1.59 -12.75
C LEU A 387 -6.96 -1.74 -11.51
N TYR A 388 -7.71 -0.69 -11.18
CA TYR A 388 -8.58 -0.72 -10.02
C TYR A 388 -10.00 -0.32 -10.41
N LYS A 389 -10.95 -0.82 -9.63
CA LYS A 389 -12.36 -0.65 -9.95
C LYS A 389 -12.78 0.78 -9.63
N LYS A 390 -13.34 1.46 -10.63
CA LYS A 390 -13.87 2.80 -10.42
C LYS A 390 -15.20 2.86 -11.15
N GLU A 391 -16.28 2.94 -10.39
CA GLU A 391 -17.64 2.85 -10.92
C GLU A 391 -17.71 1.53 -11.69
N SER A 392 -17.95 1.52 -12.98
CA SER A 392 -18.05 0.26 -13.71
C SER A 392 -16.76 -0.09 -14.45
N PHE A 393 -15.76 0.79 -14.43
CA PHE A 393 -14.58 0.67 -15.27
C PHE A 393 -13.37 0.23 -14.44
N TRP A 394 -12.27 -0.01 -15.15
CA TRP A 394 -11.01 -0.44 -14.57
C TRP A 394 -9.94 0.58 -14.95
N CYS A 395 -9.45 1.32 -13.96
CA CYS A 395 -8.58 2.48 -14.21
C CYS A 395 -7.13 2.18 -13.85
N LYS A 396 -6.23 2.82 -14.60
CA LYS A 396 -4.80 2.56 -14.44
C LYS A 396 -4.31 3.08 -13.09
N GLY A 397 -3.69 2.18 -12.31
CA GLY A 397 -3.19 2.51 -10.98
C GLY A 397 -1.68 2.61 -10.90
N ILE A 398 -1.06 3.12 -11.95
CA ILE A 398 0.39 3.29 -12.06
C ILE A 398 0.65 4.78 -12.24
N GLU A 399 1.63 5.32 -11.52
CA GLU A 399 1.90 6.75 -11.57
C GLU A 399 3.40 7.01 -11.53
N LYS A 400 3.77 8.25 -11.87
CA LYS A 400 5.16 8.65 -11.81
C LYS A 400 5.58 8.82 -10.35
N GLN A 401 6.81 8.41 -10.07
CA GLN A 401 7.40 8.69 -8.77
C GLN A 401 7.64 10.19 -8.61
N VAL A 402 7.68 10.64 -7.36
CA VAL A 402 8.16 11.99 -7.04
C VAL A 402 9.30 11.86 -6.05
N ASN A 403 10.30 12.72 -6.19
CA ASN A 403 11.42 12.78 -5.27
CA ASN A 403 11.43 12.78 -5.26
C ASN A 403 12.23 11.48 -5.27
N ASN A 404 12.28 10.81 -6.42
CA ASN A 404 13.01 9.55 -6.55
C ASN A 404 12.54 8.51 -5.52
N LYS A 405 11.24 8.47 -5.29
CA LYS A 405 10.67 7.51 -4.34
C LYS A 405 9.80 6.49 -5.09
N PRO A 406 10.39 5.43 -5.64
CA PRO A 406 9.59 4.41 -6.31
C PRO A 406 8.95 3.48 -5.29
N ILE A 407 7.71 3.09 -5.57
CA ILE A 407 6.85 2.42 -4.60
C ILE A 407 6.06 1.32 -5.29
N LEU A 408 6.13 0.11 -4.72
CA LEU A 408 5.18 -0.95 -5.06
C LEU A 408 4.02 -0.77 -4.09
N GLY A 409 2.92 -0.19 -4.58
CA GLY A 409 1.83 0.23 -3.73
C GLY A 409 0.66 -0.74 -3.81
N LEU A 410 -0.53 -0.25 -3.46
CA LEU A 410 -1.65 -1.16 -3.28
C LEU A 410 -2.07 -1.82 -4.58
N THR A 411 -1.83 -1.16 -5.73
CA THR A 411 -2.12 -1.80 -7.02
C THR A 411 -1.08 -2.84 -7.41
N PHE A 412 -0.05 -3.04 -6.58
CA PHE A 412 0.79 -4.22 -6.68
C PHE A 412 0.39 -5.28 -5.65
N PHE A 413 -0.05 -4.87 -4.47
CA PHE A 413 -0.54 -5.80 -3.45
C PHE A 413 -1.80 -6.53 -3.90
N LYS A 414 -2.64 -5.87 -4.68
CA LYS A 414 -4.00 -6.35 -4.89
C LYS A 414 -4.00 -7.75 -5.52
N ASN A 415 -4.80 -8.64 -4.93
CA ASN A 415 -4.98 -10.01 -5.41
C ASN A 415 -3.68 -10.82 -5.33
N ARG A 416 -2.84 -10.50 -4.34
CA ARG A 416 -1.75 -11.40 -3.96
C ARG A 416 -1.57 -11.34 -2.45
N GLN A 417 -0.95 -12.40 -1.92
CA GLN A 417 -0.42 -12.32 -0.56
C GLN A 417 0.96 -11.70 -0.65
N VAL A 418 1.20 -10.67 0.16
CA VAL A 418 2.50 -10.03 0.28
C VAL A 418 2.99 -10.34 1.69
N ILE A 419 4.10 -11.06 1.77
CA ILE A 419 4.49 -11.80 2.98
C ILE A 419 5.76 -11.16 3.54
N PHE A 420 5.65 -10.51 4.71
CA PHE A 420 6.78 -9.84 5.35
C PHE A 420 7.39 -10.78 6.37
N ASP A 421 8.46 -11.45 5.99
CA ASP A 421 9.17 -12.38 6.87
C ASP A 421 10.27 -11.57 7.54
N ILE A 422 9.96 -11.03 8.72
CA ILE A 422 10.90 -10.13 9.38
C ILE A 422 12.01 -10.88 10.10
N GLN A 423 11.85 -12.19 10.30
CA GLN A 423 12.94 -13.00 10.85
C GLN A 423 14.08 -13.11 9.86
N LYS A 424 13.77 -13.46 8.61
CA LYS A 424 14.76 -13.66 7.56
C LYS A 424 14.93 -12.46 6.66
N ASN A 425 14.28 -11.34 6.97
CA ASN A 425 14.42 -10.09 6.20
C ASN A 425 14.21 -10.35 4.71
N ARG A 426 13.03 -10.90 4.42
CA ARG A 426 12.64 -11.18 3.04
C ARG A 426 11.16 -10.90 2.89
N ILE A 427 10.74 -10.62 1.67
CA ILE A 427 9.34 -10.39 1.34
C ILE A 427 8.94 -11.36 0.24
N GLY A 428 7.82 -12.04 0.44
CA GLY A 428 7.34 -13.05 -0.48
C GLY A 428 6.06 -12.61 -1.17
N PHE A 429 5.83 -13.14 -2.37
CA PHE A 429 4.70 -12.77 -3.20
C PHE A 429 4.09 -14.03 -3.79
N VAL A 430 2.76 -14.12 -3.77
CA VAL A 430 2.07 -15.22 -4.45
C VAL A 430 0.65 -14.77 -4.77
N ASP A 431 0.19 -15.14 -5.96
CA ASP A 431 -1.17 -14.80 -6.37
C ASP A 431 -2.17 -15.45 -5.42
N ALA A 432 -3.23 -14.72 -5.07
CA ALA A 432 -4.14 -15.22 -4.06
C ALA A 432 -5.56 -14.74 -4.34
N ASN A 433 -6.52 -15.47 -3.79
CA ASN A 433 -7.91 -15.02 -3.68
C ASN A 433 -8.08 -14.48 -2.26
N CYS A 434 -7.91 -13.17 -2.12
CA CYS A 434 -7.91 -12.61 -0.77
C CYS A 434 -9.33 -12.48 -0.24
N PRO A 435 -9.51 -12.60 1.07
CA PRO A 435 -10.82 -12.31 1.65
C PRO A 435 -11.29 -10.93 1.24
N SER A 436 -12.60 -10.78 1.07
CA SER A 436 -13.19 -9.51 0.68
C SER A 436 -14.21 -9.11 1.73
N HIS A 437 -14.12 -7.88 2.21
CA HIS A 437 -14.99 -7.39 3.28
C HIS A 437 -15.54 -6.02 2.90
N PRO A 438 -16.82 -5.93 2.52
CA PRO A 438 -17.41 -4.60 2.32
C PRO A 438 -17.35 -3.81 3.62
N THR A 439 -17.33 -2.49 3.49
CA THR A 439 -17.28 -1.65 4.69
C THR A 439 -18.56 -1.76 5.51
N HIS A 440 -19.69 -2.10 4.88
CA HIS A 440 -20.93 -2.24 5.64
C HIS A 440 -20.92 -3.46 6.56
N THR A 441 -19.94 -4.35 6.42
CA THR A 441 -19.81 -5.48 7.34
C THR A 441 -19.03 -5.13 8.59
N ARG A 442 -18.42 -3.96 8.64
CA ARG A 442 -17.63 -3.56 9.81
C ARG A 442 -18.54 -3.24 10.98
N PRO A 443 -18.41 -3.93 12.12
CA PRO A 443 -19.30 -3.63 13.26
C PRO A 443 -19.16 -2.19 13.72
N ARG A 444 -20.26 -1.64 14.20
CA ARG A 444 -20.28 -0.28 14.74
C ARG A 444 -19.64 0.72 13.77
C1 NAG B . 19.28 -13.48 0.41
C2 NAG B . 20.40 -13.96 -0.52
C3 NAG B . 20.93 -15.32 -0.07
C4 NAG B . 21.31 -15.30 1.40
C5 NAG B . 20.15 -14.78 2.24
C6 NAG B . 20.49 -14.62 3.71
C7 NAG B . 20.47 -13.34 -2.90
C8 NAG B . 19.84 -13.54 -4.26
N2 NAG B . 19.93 -14.03 -1.90
O3 NAG B . 22.07 -15.67 -0.86
O4 NAG B . 21.63 -16.62 1.84
O5 NAG B . 19.75 -13.48 1.76
O6 NAG B . 21.64 -13.80 3.89
O7 NAG B . 21.43 -12.60 -2.74
C1 NAG B . 22.92 -16.66 2.51
C2 NAG B . 22.93 -17.82 3.52
C3 NAG B . 24.30 -17.94 4.17
C4 NAG B . 25.39 -18.05 3.11
C5 NAG B . 25.28 -16.87 2.14
C6 NAG B . 26.26 -16.96 1.00
C7 NAG B . 20.89 -18.52 4.69
C8 NAG B . 19.92 -18.18 5.79
N2 NAG B . 21.90 -17.65 4.53
O3 NAG B . 24.33 -19.09 5.00
O4 NAG B . 26.67 -18.06 3.71
O5 NAG B . 23.97 -16.83 1.56
O6 NAG B . 25.63 -17.39 -0.20
O7 NAG B . 20.76 -19.51 3.99
N1 SKC C . 5.82 8.82 5.72
C7 SKC C . 1.73 9.15 10.27
C8 SKC C . 1.15 10.38 10.01
N2 SKC C . 2.21 6.83 4.26
C9 SKC C . 1.61 11.16 8.98
C6 SKC C . 2.81 8.74 9.51
N3 SKC C . 2.58 7.24 1.95
N4 SKC C . 3.06 5.18 2.79
C10 SKC C . 2.69 10.75 8.23
C11 SKC C . 3.32 9.53 8.49
C12 SKC C . 4.55 9.13 7.76
C13 SKC C . 5.72 8.88 8.50
C14 SKC C . 6.91 8.62 7.85
C15 SKC C . 6.91 8.61 6.48
C16 SKC C . -0.64 9.26 4.60
C17 SKC C . -2.00 9.28 4.46
C18 SKC C . -2.65 8.12 4.07
C19 SKC C . -1.90 7.00 3.86
C20 SKC C . -0.53 6.96 4.00
C21 SKC C . 4.66 9.06 6.35
C22 SKC C . 0.13 8.12 4.38
C23 SKC C . 1.65 8.16 4.50
C24 SKC C . 2.31 9.14 3.49
C25 SKC C . 2.41 8.59 2.07
C26 SKC C . 2.63 6.39 3.04
C27 SKC C . 2.72 6.69 0.61
C28 SKC C . 2.18 8.65 5.85
C29 SKC C . 3.70 9.38 4.10
F32 SKC C . -0.02 10.42 4.93
F33 SKC C . -2.52 5.87 3.44
N5 SKC C . 3.54 9.08 5.52
O30 SKC C . 2.38 9.34 1.11
CL31 SKC C . -0.16 10.93 11.00
HC7 SKC C . 1.35 8.52 11.08
HN2 SKC C . 2.28 6.21 5.05
HC9 SKC C . 1.12 12.11 8.76
HC6 SKC C . 3.26 7.77 9.71
HN4 SKC C . 3.08 4.53 3.57
HC10 SKC C . 3.06 11.37 7.41
HC13 SKC C . 5.67 8.90 9.59
HC14 SKC C . 7.81 8.41 8.41
HC15 SKC C . 7.81 8.42 5.91
HC17 SKC C . -2.58 10.18 4.65
HC18 SKC C . -3.74 8.10 3.95
HC20 SKC C . 0.01 6.03 3.83
HC24 SKC C . 1.77 10.07 3.46
H27A SKC C . 2.18 5.75 0.50
H27B SKC C . 3.77 6.50 0.37
H27C SKC C . 2.33 7.38 -0.14
H28A SKC C . 2.16 7.86 6.60
H28B SKC C . 1.56 9.46 6.25
H29B SKC C . 4.46 8.75 3.65
H29A SKC C . 4.04 10.41 3.95
O1 TEW D . 21.04 1.61 7.11
O2 TEW D . 19.23 3.44 6.79
O3 TEW D . 18.92 0.84 5.70
O4 TEW D . 19.01 2.67 9.29
O5 TEW D . 17.22 1.46 8.00
O6 TEW D . 19.16 -0.05 8.87
O7 TEW D . 21.18 2.83 4.80
O8 TEW D . 21.15 -0.84 5.23
O9 TEW D . 20.88 0.81 3.03
O10 TEW D . 22.88 0.96 5.31
O11 TEW D . 21.24 5.31 6.10
O12 TEW D . 23.06 3.45 6.41
O13 TEW D . 21.21 4.12 8.42
O14 TEW D . 19.94 6.41 8.23
O15 TEW D . 17.30 4.96 8.26
O16 TEW D . 19.03 5.04 10.58
O17 TEW D . 23.02 3.76 3.88
O18 TEW D . 25.15 1.93 5.04
O19 TEW D . 23.31 1.29 3.00
O20 TEW D . 23.61 5.97 6.97
O21 TEW D . 24.86 5.13 4.69
O22 TEW D . 22.60 6.57 3.89
O23 TEW D . 22.05 8.00 7.67
O31 TEW D . 22.63 6.43 9.94
TE1 TEW D . 21.16 3.46 6.59
W1 TEW D . 18.78 1.40 8.03
W2 TEW D . 21.03 0.82 4.80
W3 TEW D . 18.94 4.64 8.65
W4 TEW D . 23.45 2.01 4.76
W5 TEW D . 23.15 5.16 4.92
W6 TEW D . 22.04 6.36 8.21
C1 NAG E . 10.51 -5.44 -33.61
C2 NAG E . 10.73 -6.93 -33.87
C3 NAG E . 11.64 -7.52 -32.80
C4 NAG E . 12.94 -6.72 -32.71
C5 NAG E . 12.65 -5.22 -32.55
C6 NAG E . 13.89 -4.37 -32.63
C7 NAG E . 8.79 -7.85 -35.08
C8 NAG E . 9.42 -7.30 -36.33
N2 NAG E . 9.46 -7.64 -33.94
O3 NAG E . 11.92 -8.88 -33.11
O4 NAG E . 13.70 -7.17 -31.60
O5 NAG E . 11.77 -4.77 -33.59
O6 NAG E . 14.67 -4.47 -31.44
O7 NAG E . 7.73 -8.45 -35.10
C1 NAG F . -8.42 16.54 30.90
C2 NAG F . -8.79 17.77 30.07
C3 NAG F . -7.81 18.91 30.35
C4 NAG F . -7.70 19.17 31.84
C5 NAG F . -7.39 17.89 32.60
C6 NAG F . -7.38 18.06 34.09
C7 NAG F . -9.90 17.66 27.88
C8 NAG F . -9.74 17.28 26.43
N2 NAG F . -8.82 17.45 28.65
O3 NAG F . -8.25 20.09 29.67
O4 NAG F . -6.67 20.13 32.09
O5 NAG F . -8.37 16.89 32.29
O6 NAG F . -8.60 17.63 34.68
O7 NAG F . -10.95 18.13 28.32
C TRS G . -18.16 5.94 -15.97
C1 TRS G . -16.70 5.48 -15.91
C2 TRS G . -18.69 5.98 -17.40
C3 TRS G . -19.07 5.02 -15.14
N TRS G . -18.26 7.34 -15.31
O1 TRS G . -15.90 6.45 -15.29
O2 TRS G . -17.93 6.87 -18.19
O3 TRS G . -18.57 3.70 -15.02
H11 TRS G . -16.63 4.54 -15.36
H12 TRS G . -16.33 5.29 -16.93
H21 TRS G . -19.74 6.30 -17.39
H22 TRS G . -18.65 4.98 -17.83
H31 TRS G . -20.06 4.98 -15.60
H32 TRS G . -19.19 5.44 -14.14
HN1 TRS G . -17.66 7.58 -14.53
HN2 TRS G . -19.13 7.65 -14.90
HN3 TRS G . -18.07 8.17 -15.87
HO1 TRS G . -14.97 6.12 -15.23
HO2 TRS G . -17.20 7.24 -17.67
HO3 TRS G . -19.04 3.23 -14.30
#